data_1KY2
#
_entry.id   1KY2
#
_cell.length_a   40.137
_cell.length_b   60.667
_cell.length_c   73.537
_cell.angle_alpha   90.00
_cell.angle_beta   90.00
_cell.angle_gamma   90.00
#
_symmetry.space_group_name_H-M   'P 21 21 21'
#
loop_
_entity.id
_entity.type
_entity.pdbx_description
1 polymer 'GTP-BINDING PROTEIN YPT7P'
2 non-polymer 'MAGNESIUM ION'
3 non-polymer 'PHOSPHOAMINOPHOSPHONIC ACID-GUANYLATE ESTER'
4 water water
#
_entity_poly.entity_id   1
_entity_poly.type   'polypeptide(L)'
_entity_poly.pdbx_seq_one_letter_code
;MSSRKKNILKVIILGDSGVGKTSLMHRYVNDKYSQQYKATIGADFLTKEVTVDGDKVATMQVWDTAGQERFQSLGVAFYR
GADCCVLVYDVTNASSFENIKSWRDEFLVHANVNSPETFPFVILGNKIDAEESKKIVSEKSAQELAKSLGDIPLFLTSAK
NAINVDTAFEEIARSALQQNQA
;
_entity_poly.pdbx_strand_id   A
#
# COMPACT_ATOMS: atom_id res chain seq x y z
N SER A 3 27.43 6.92 2.72
CA SER A 3 26.74 8.15 2.32
C SER A 3 25.40 7.90 1.64
N ARG A 4 25.39 7.58 0.34
CA ARG A 4 24.13 7.48 -0.39
C ARG A 4 23.55 6.07 -0.41
N LYS A 5 24.38 5.05 -0.66
CA LYS A 5 23.83 3.70 -0.81
C LYS A 5 23.45 3.08 0.53
N LYS A 6 22.18 2.70 0.61
CA LYS A 6 21.52 2.13 1.77
C LYS A 6 20.70 0.89 1.41
N ASN A 7 20.56 -0.01 2.37
CA ASN A 7 19.59 -1.08 2.28
C ASN A 7 18.23 -0.48 2.67
N ILE A 8 17.58 0.12 1.69
CA ILE A 8 16.27 0.71 1.92
C ILE A 8 15.21 -0.36 2.16
N LEU A 9 14.07 0.05 2.71
CA LEU A 9 12.92 -0.81 2.85
C LEU A 9 12.00 -0.57 1.65
N LYS A 10 11.86 -1.54 0.76
CA LYS A 10 11.11 -1.35 -0.48
C LYS A 10 9.65 -1.76 -0.31
N VAL A 11 8.79 -0.76 -0.52
CA VAL A 11 7.35 -0.95 -0.31
C VAL A 11 6.64 -0.73 -1.64
N ILE A 12 5.78 -1.66 -2.04
CA ILE A 12 5.04 -1.48 -3.29
C ILE A 12 3.59 -1.22 -2.94
N ILE A 13 2.98 -0.16 -3.51
CA ILE A 13 1.57 0.06 -3.26
C ILE A 13 0.76 -0.38 -4.48
N LEU A 14 -0.16 -1.32 -4.29
CA LEU A 14 -0.98 -1.83 -5.38
C LEU A 14 -2.48 -1.59 -5.14
N GLY A 15 -3.25 -1.60 -6.23
CA GLY A 15 -4.70 -1.45 -6.12
C GLY A 15 -5.29 -0.82 -7.40
N ASP A 16 -6.61 -0.92 -7.51
CA ASP A 16 -7.29 -0.40 -8.70
C ASP A 16 -7.09 1.08 -8.87
N SER A 17 -7.25 1.54 -10.13
CA SER A 17 -7.19 2.94 -10.41
C SER A 17 -8.25 3.70 -9.60
N GLY A 18 -7.91 4.86 -9.02
CA GLY A 18 -8.94 5.67 -8.39
C GLY A 18 -9.00 5.42 -6.89
N VAL A 19 -8.29 4.44 -6.33
CA VAL A 19 -8.49 4.15 -4.92
C VAL A 19 -7.74 5.14 -4.03
N GLY A 20 -6.76 5.86 -4.56
CA GLY A 20 -5.99 6.87 -3.87
C GLY A 20 -4.59 6.47 -3.52
N LYS A 21 -3.95 5.58 -4.27
CA LYS A 21 -2.57 5.19 -4.00
C LYS A 21 -1.64 6.40 -4.03
N THR A 22 -1.70 7.22 -5.09
CA THR A 22 -0.81 8.38 -5.14
C THR A 22 -1.09 9.36 -4.01
N SER A 23 -2.37 9.55 -3.70
CA SER A 23 -2.71 10.43 -2.57
C SER A 23 -2.14 9.92 -1.26
N LEU A 24 -2.21 8.59 -1.06
CA LEU A 24 -1.66 8.03 0.17
C LEU A 24 -0.15 8.21 0.25
N MET A 25 0.54 7.97 -0.89
CA MET A 25 2.00 8.16 -0.87
C MET A 25 2.38 9.58 -0.52
N HIS A 26 1.71 10.58 -1.11
CA HIS A 26 2.04 11.96 -0.81
C HIS A 26 1.63 12.37 0.60
N ARG A 27 0.53 11.83 1.12
CA ARG A 27 0.17 12.15 2.52
C ARG A 27 1.23 11.62 3.48
N TYR A 28 1.66 10.37 3.25
CA TYR A 28 2.74 9.80 4.06
C TYR A 28 4.08 10.49 3.91
N VAL A 29 4.59 10.60 2.66
CA VAL A 29 5.94 11.13 2.50
C VAL A 29 6.00 12.63 2.63
N ASN A 30 5.00 13.37 2.17
CA ASN A 30 5.12 14.82 2.16
C ASN A 30 4.08 15.50 3.05
N ASP A 31 3.24 14.76 3.78
CA ASP A 31 2.15 15.29 4.58
C ASP A 31 1.39 16.40 3.86
N LYS A 32 1.13 16.16 2.58
CA LYS A 32 0.38 17.05 1.74
C LYS A 32 -0.67 16.26 0.98
N TYR A 33 -1.73 16.93 0.54
CA TYR A 33 -2.77 16.30 -0.26
C TYR A 33 -3.15 17.30 -1.35
N SER A 34 -3.16 16.83 -2.58
CA SER A 34 -3.69 17.63 -3.69
C SER A 34 -4.98 16.96 -4.15
N GLN A 35 -6.03 17.74 -4.38
CA GLN A 35 -7.28 17.13 -4.83
C GLN A 35 -7.10 16.47 -6.19
N GLN A 36 -6.17 16.91 -7.03
CA GLN A 36 -6.12 16.25 -8.34
C GLN A 36 -4.72 15.91 -8.80
N TYR A 37 -4.34 14.66 -8.66
CA TYR A 37 -3.10 14.11 -9.22
C TYR A 37 -3.39 13.53 -10.61
N LYS A 38 -2.41 13.54 -11.50
CA LYS A 38 -2.58 12.81 -12.75
C LYS A 38 -2.64 11.30 -12.46
N ALA A 39 -3.36 10.60 -13.32
CA ALA A 39 -3.33 9.15 -13.23
C ALA A 39 -1.89 8.68 -13.34
N THR A 40 -1.54 7.64 -12.56
CA THR A 40 -0.17 7.17 -12.56
C THR A 40 0.15 6.30 -13.77
N ILE A 41 1.31 6.60 -14.35
CA ILE A 41 1.77 5.82 -15.51
C ILE A 41 3.14 5.23 -15.17
N GLY A 42 3.24 3.92 -15.42
CA GLY A 42 4.44 3.21 -15.05
C GLY A 42 4.54 2.98 -13.56
N ALA A 43 5.73 3.26 -13.04
CA ALA A 43 6.00 3.05 -11.63
C ALA A 43 7.13 3.99 -11.20
N ASP A 44 6.85 4.73 -10.13
CA ASP A 44 7.88 5.60 -9.57
C ASP A 44 7.90 5.51 -8.06
N PHE A 45 8.92 6.11 -7.45
CA PHE A 45 8.98 5.99 -6.00
C PHE A 45 9.41 7.31 -5.36
N LEU A 46 9.10 7.39 -4.06
CA LEU A 46 9.58 8.45 -3.19
C LEU A 46 10.31 7.83 -2.01
N THR A 47 11.16 8.59 -1.33
CA THR A 47 11.81 7.98 -0.16
C THR A 47 11.48 8.82 1.05
N LYS A 48 11.44 8.16 2.18
CA LYS A 48 11.19 8.83 3.44
C LYS A 48 12.10 8.28 4.52
N GLU A 49 12.83 9.11 5.28
CA GLU A 49 13.59 8.50 6.37
C GLU A 49 12.68 8.35 7.57
N VAL A 50 12.74 7.25 8.30
CA VAL A 50 11.80 7.02 9.39
C VAL A 50 12.51 6.35 10.56
N THR A 51 11.79 6.33 11.67
CA THR A 51 12.26 5.56 12.81
C THR A 51 11.23 4.50 13.11
N VAL A 52 11.74 3.26 13.28
CA VAL A 52 10.79 2.20 13.55
C VAL A 52 10.80 1.85 15.03
N ASP A 53 9.63 1.96 15.65
CA ASP A 53 9.41 1.59 17.03
C ASP A 53 10.40 2.21 18.00
N GLY A 54 10.58 3.53 17.93
CA GLY A 54 11.42 4.21 18.87
C GLY A 54 12.90 4.24 18.59
N ASP A 55 13.56 3.16 18.15
CA ASP A 55 15.02 3.29 18.05
C ASP A 55 15.65 2.81 16.76
N LYS A 56 14.93 2.30 15.78
CA LYS A 56 15.58 1.84 14.55
C LYS A 56 15.34 2.81 13.39
N VAL A 57 16.43 3.34 12.83
CA VAL A 57 16.30 4.25 11.70
C VAL A 57 16.40 3.48 10.38
N ALA A 58 15.54 3.84 9.44
CA ALA A 58 15.56 3.20 8.13
C ALA A 58 15.06 4.17 7.08
N THR A 59 15.29 3.81 5.84
CA THR A 59 14.79 4.61 4.72
C THR A 59 13.80 3.77 3.90
N MET A 60 12.60 4.29 3.80
CA MET A 60 11.55 3.67 3.02
C MET A 60 11.62 4.16 1.57
N GLN A 61 11.49 3.21 0.65
CA GLN A 61 11.35 3.54 -0.76
C GLN A 61 9.93 3.09 -1.13
N VAL A 62 9.04 4.05 -1.33
CA VAL A 62 7.63 3.72 -1.55
C VAL A 62 7.34 3.87 -3.04
N TRP A 63 6.96 2.75 -3.64
CA TRP A 63 6.67 2.64 -5.05
C TRP A 63 5.18 2.79 -5.33
N ASP A 64 4.87 3.77 -6.17
CA ASP A 64 3.52 4.04 -6.60
C ASP A 64 3.28 3.46 -7.98
N THR A 65 2.12 2.89 -8.25
CA THR A 65 1.92 2.12 -9.48
C THR A 65 0.67 2.53 -10.22
N ALA A 66 0.58 2.09 -11.48
CA ALA A 66 -0.56 2.42 -12.30
C ALA A 66 -1.68 1.41 -12.10
N GLY A 67 -2.83 1.92 -11.64
CA GLY A 67 -4.00 1.07 -11.45
C GLY A 67 -4.66 0.78 -12.79
N GLN A 68 -4.54 1.63 -13.80
CA GLN A 68 -5.20 1.33 -15.09
C GLN A 68 -4.34 0.52 -16.04
N GLU A 69 -4.89 -0.57 -16.61
CA GLU A 69 -4.06 -1.40 -17.48
C GLU A 69 -3.45 -0.61 -18.64
N ARG A 70 -4.17 0.33 -19.22
CA ARG A 70 -3.57 1.05 -20.35
C ARG A 70 -2.33 1.82 -19.92
N PHE A 71 -2.19 2.11 -18.63
CA PHE A 71 -1.06 2.89 -18.16
C PHE A 71 0.03 2.05 -17.49
N GLN A 72 -0.08 0.72 -17.53
CA GLN A 72 0.92 -0.15 -16.92
C GLN A 72 2.05 -0.46 -17.90
N SER A 73 2.70 0.59 -18.36
CA SER A 73 3.63 0.43 -19.48
C SER A 73 4.96 -0.15 -19.07
N LEU A 74 5.21 -0.37 -17.77
CA LEU A 74 6.48 -0.96 -17.35
C LEU A 74 6.35 -2.42 -16.96
N GLY A 75 5.17 -3.01 -17.13
CA GLY A 75 5.03 -4.38 -16.64
C GLY A 75 5.15 -4.45 -15.11
N VAL A 76 5.69 -5.57 -14.61
CA VAL A 76 5.69 -5.80 -13.16
C VAL A 76 7.05 -6.22 -12.63
N ALA A 77 8.10 -6.14 -13.45
CA ALA A 77 9.40 -6.64 -13.01
C ALA A 77 9.96 -5.84 -11.83
N PHE A 78 9.56 -4.60 -11.67
CA PHE A 78 10.07 -3.79 -10.55
C PHE A 78 9.52 -4.28 -9.22
N TYR A 79 8.59 -5.24 -9.15
CA TYR A 79 8.08 -5.71 -7.88
C TYR A 79 9.16 -6.50 -7.11
N ARG A 80 10.15 -7.04 -7.84
CA ARG A 80 11.13 -7.88 -7.16
C ARG A 80 11.90 -7.09 -6.11
N GLY A 81 12.24 -7.74 -5.00
CA GLY A 81 13.12 -7.14 -3.99
C GLY A 81 12.27 -6.42 -2.93
N ALA A 82 10.95 -6.42 -3.13
CA ALA A 82 10.09 -5.74 -2.15
C ALA A 82 10.16 -6.37 -0.75
N ASP A 83 10.04 -5.55 0.28
CA ASP A 83 10.00 -5.91 1.68
C ASP A 83 8.59 -5.88 2.24
N CYS A 84 7.64 -5.20 1.59
CA CYS A 84 6.23 -5.19 1.99
C CYS A 84 5.38 -4.79 0.80
N CYS A 85 4.17 -5.33 0.75
CA CYS A 85 3.23 -5.01 -0.30
C CYS A 85 1.94 -4.45 0.31
N VAL A 86 1.56 -3.26 -0.14
CA VAL A 86 0.34 -2.60 0.35
C VAL A 86 -0.78 -2.75 -0.67
N LEU A 87 -1.95 -3.19 -0.23
CA LEU A 87 -3.11 -3.47 -1.09
C LEU A 87 -4.21 -2.46 -0.76
N VAL A 88 -4.50 -1.57 -1.69
CA VAL A 88 -5.42 -0.47 -1.34
C VAL A 88 -6.77 -0.68 -1.99
N TYR A 89 -7.87 -0.57 -1.24
CA TYR A 89 -9.19 -0.49 -1.86
C TYR A 89 -9.84 0.84 -1.43
N ASP A 90 -10.93 1.17 -2.09
CA ASP A 90 -11.74 2.37 -1.84
C ASP A 90 -13.03 1.92 -1.17
N VAL A 91 -13.36 2.44 0.01
CA VAL A 91 -14.53 1.92 0.71
C VAL A 91 -15.84 2.27 0.01
N THR A 92 -15.73 3.18 -0.97
CA THR A 92 -16.89 3.55 -1.74
C THR A 92 -16.99 2.81 -3.08
N ASN A 93 -16.11 1.87 -3.36
CA ASN A 93 -16.05 1.18 -4.64
C ASN A 93 -15.93 -0.32 -4.43
N ALA A 94 -17.04 -1.04 -4.63
CA ALA A 94 -17.03 -2.49 -4.32
C ALA A 94 -16.06 -3.25 -5.20
N SER A 95 -15.95 -2.87 -6.47
CA SER A 95 -15.06 -3.70 -7.31
C SER A 95 -13.62 -3.59 -6.87
N SER A 96 -13.22 -2.41 -6.36
CA SER A 96 -11.83 -2.25 -5.91
C SER A 96 -11.50 -3.19 -4.76
N PHE A 97 -12.49 -3.48 -3.91
CA PHE A 97 -12.38 -4.40 -2.79
C PHE A 97 -12.33 -5.84 -3.28
N GLU A 98 -13.26 -6.16 -4.19
CA GLU A 98 -13.31 -7.50 -4.77
C GLU A 98 -11.97 -7.85 -5.44
N ASN A 99 -11.25 -6.86 -5.96
CA ASN A 99 -9.96 -7.09 -6.61
C ASN A 99 -8.76 -7.20 -5.69
N ILE A 100 -8.93 -7.08 -4.37
CA ILE A 100 -7.74 -7.10 -3.50
C ILE A 100 -7.00 -8.41 -3.63
N LYS A 101 -7.67 -9.56 -3.62
CA LYS A 101 -6.86 -10.79 -3.68
C LYS A 101 -6.12 -10.91 -5.01
N SER A 102 -6.71 -10.43 -6.11
CA SER A 102 -5.98 -10.57 -7.39
C SER A 102 -4.71 -9.72 -7.39
N TRP A 103 -4.76 -8.58 -6.68
CA TRP A 103 -3.52 -7.80 -6.56
C TRP A 103 -2.49 -8.51 -5.68
N ARG A 104 -2.92 -9.09 -4.56
CA ARG A 104 -2.05 -9.87 -3.70
C ARG A 104 -1.34 -10.94 -4.52
N ASP A 105 -2.16 -11.63 -5.32
CA ASP A 105 -1.67 -12.77 -6.09
C ASP A 105 -0.76 -12.35 -7.22
N GLU A 106 -1.08 -11.23 -7.89
CA GLU A 106 -0.21 -10.67 -8.93
C GLU A 106 1.17 -10.35 -8.36
N PHE A 107 1.17 -9.77 -7.16
CA PHE A 107 2.43 -9.51 -6.50
C PHE A 107 3.21 -10.81 -6.26
N LEU A 108 2.53 -11.79 -5.69
CA LEU A 108 3.19 -13.04 -5.30
C LEU A 108 3.77 -13.74 -6.52
N VAL A 109 3.09 -13.72 -7.65
CA VAL A 109 3.64 -14.40 -8.83
C VAL A 109 4.91 -13.72 -9.33
N HIS A 110 4.99 -12.39 -9.25
CA HIS A 110 6.11 -11.72 -9.89
C HIS A 110 7.19 -11.16 -9.00
N ALA A 111 6.98 -11.09 -7.69
CA ALA A 111 7.99 -10.45 -6.85
C ALA A 111 9.09 -11.43 -6.44
N ASN A 112 8.93 -12.71 -6.75
CA ASN A 112 9.96 -13.68 -6.42
C ASN A 112 10.25 -13.68 -4.92
N VAL A 113 9.21 -13.71 -4.09
CA VAL A 113 9.51 -13.79 -2.66
C VAL A 113 9.68 -15.27 -2.29
N ASN A 114 10.41 -15.54 -1.23
CA ASN A 114 10.75 -16.93 -0.93
C ASN A 114 9.74 -17.63 -0.05
N SER A 115 9.00 -16.87 0.77
CA SER A 115 8.01 -17.48 1.66
C SER A 115 6.72 -16.68 1.62
N PRO A 116 5.92 -16.95 0.60
CA PRO A 116 4.65 -16.26 0.37
C PRO A 116 3.77 -16.20 1.60
N GLU A 117 3.71 -17.28 2.36
CA GLU A 117 2.93 -17.40 3.57
C GLU A 117 3.34 -16.43 4.67
N THR A 118 4.60 -16.00 4.73
CA THR A 118 4.98 -15.09 5.79
C THR A 118 5.24 -13.68 5.27
N PHE A 119 5.26 -13.53 3.95
CA PHE A 119 5.54 -12.21 3.38
C PHE A 119 4.51 -11.18 3.84
N PRO A 120 4.96 -10.02 4.29
CA PRO A 120 4.01 -9.03 4.81
C PRO A 120 3.18 -8.28 3.76
N PHE A 121 1.87 -8.35 3.92
CA PHE A 121 0.90 -7.51 3.20
C PHE A 121 0.21 -6.61 4.22
N VAL A 122 -0.24 -5.44 3.80
CA VAL A 122 -1.11 -4.61 4.63
C VAL A 122 -2.24 -4.11 3.72
N ILE A 123 -3.47 -4.18 4.19
CA ILE A 123 -4.60 -3.72 3.35
C ILE A 123 -5.05 -2.35 3.86
N LEU A 124 -5.21 -1.39 2.97
CA LEU A 124 -5.76 -0.09 3.34
C LEU A 124 -7.14 0.07 2.69
N GLY A 125 -8.15 0.36 3.50
CA GLY A 125 -9.47 0.77 2.96
C GLY A 125 -9.49 2.30 2.99
N ASN A 126 -9.27 2.95 1.85
CA ASN A 126 -9.12 4.40 1.80
C ASN A 126 -10.44 5.10 1.56
N LYS A 127 -10.48 6.40 1.81
CA LYS A 127 -11.64 7.28 1.67
C LYS A 127 -12.67 7.08 2.77
N ILE A 128 -12.24 6.75 3.98
CA ILE A 128 -13.17 6.56 5.10
C ILE A 128 -13.81 7.86 5.51
N ASP A 129 -13.31 8.98 5.00
CA ASP A 129 -13.95 10.26 5.18
C ASP A 129 -15.22 10.41 4.35
N ALA A 130 -15.53 9.50 3.43
CA ALA A 130 -16.66 9.74 2.53
C ALA A 130 -17.98 9.76 3.28
N GLU A 131 -19.01 10.33 2.64
CA GLU A 131 -20.31 10.32 3.31
C GLU A 131 -20.74 8.87 3.54
N GLU A 132 -21.39 8.66 4.68
CA GLU A 132 -21.77 7.30 5.04
C GLU A 132 -22.58 6.62 3.94
N SER A 133 -23.42 7.38 3.22
CA SER A 133 -24.25 6.75 2.19
C SER A 133 -23.42 6.22 1.03
N LYS A 134 -22.24 6.81 0.83
CA LYS A 134 -21.43 6.39 -0.30
C LYS A 134 -20.55 5.19 0.07
N LYS A 135 -20.32 4.99 1.36
CA LYS A 135 -19.41 3.93 1.81
C LYS A 135 -20.17 2.61 1.78
N ILE A 136 -19.75 1.72 0.90
CA ILE A 136 -20.49 0.47 0.68
C ILE A 136 -19.72 -0.78 1.06
N VAL A 137 -18.41 -0.71 1.29
CA VAL A 137 -17.69 -1.88 1.74
C VAL A 137 -17.61 -1.91 3.25
N SER A 138 -18.18 -2.91 3.92
CA SER A 138 -18.19 -2.93 5.38
C SER A 138 -16.84 -3.33 5.98
N GLU A 139 -16.55 -2.84 7.18
CA GLU A 139 -15.34 -3.17 7.93
C GLU A 139 -15.32 -4.68 8.19
N LYS A 140 -16.49 -5.18 8.60
CA LYS A 140 -16.63 -6.60 8.82
C LYS A 140 -16.25 -7.37 7.56
N SER A 141 -16.73 -6.92 6.40
CA SER A 141 -16.34 -7.64 5.19
C SER A 141 -14.83 -7.56 4.97
N ALA A 142 -14.24 -6.39 5.18
CA ALA A 142 -12.80 -6.23 5.03
C ALA A 142 -12.05 -7.08 6.04
N GLN A 143 -12.54 -7.19 7.27
CA GLN A 143 -11.80 -8.02 8.23
C GLN A 143 -11.83 -9.48 7.86
N GLU A 144 -12.96 -9.93 7.33
CA GLU A 144 -13.07 -11.32 6.89
C GLU A 144 -12.08 -11.65 5.79
N LEU A 145 -11.94 -10.77 4.80
CA LEU A 145 -10.93 -10.95 3.76
C LEU A 145 -9.52 -10.92 4.33
N ALA A 146 -9.23 -9.91 5.15
CA ALA A 146 -7.86 -9.86 5.67
C ALA A 146 -7.49 -11.10 6.48
N LYS A 147 -8.46 -11.63 7.24
CA LYS A 147 -8.14 -12.87 7.95
C LYS A 147 -7.89 -13.99 6.95
N SER A 148 -8.78 -14.13 5.98
CA SER A 148 -8.75 -15.22 5.01
C SER A 148 -7.47 -15.22 4.20
N LEU A 149 -6.86 -14.04 4.06
CA LEU A 149 -5.60 -13.95 3.32
C LEU A 149 -4.39 -14.18 4.21
N GLY A 150 -4.60 -14.58 5.47
CA GLY A 150 -3.46 -14.85 6.35
C GLY A 150 -3.37 -13.89 7.50
N ASP A 151 -4.50 -13.38 7.99
CA ASP A 151 -4.43 -12.46 9.14
C ASP A 151 -3.58 -11.26 8.78
N ILE A 152 -3.86 -10.68 7.61
CA ILE A 152 -3.07 -9.47 7.29
C ILE A 152 -3.72 -8.24 7.94
N PRO A 153 -2.89 -7.31 8.41
CA PRO A 153 -3.37 -6.08 9.03
C PRO A 153 -4.22 -5.29 8.05
N LEU A 154 -5.27 -4.71 8.60
CA LEU A 154 -6.22 -3.87 7.90
C LEU A 154 -6.27 -2.51 8.58
N PHE A 155 -6.16 -1.43 7.83
CA PHE A 155 -6.36 -0.08 8.32
C PHE A 155 -7.33 0.68 7.41
N LEU A 156 -8.22 1.43 8.05
CA LEU A 156 -9.15 2.30 7.33
C LEU A 156 -8.58 3.72 7.37
N THR A 157 -8.46 4.36 6.21
CA THR A 157 -7.69 5.59 6.07
C THR A 157 -8.37 6.65 5.24
N SER A 158 -7.85 7.87 5.41
CA SER A 158 -8.19 8.97 4.51
C SER A 158 -6.93 9.75 4.17
N ALA A 159 -6.41 9.62 2.94
CA ALA A 159 -5.30 10.49 2.57
C ALA A 159 -5.75 11.96 2.59
N LYS A 160 -7.01 12.20 2.21
CA LYS A 160 -7.53 13.56 2.11
C LYS A 160 -7.54 14.30 3.44
N ASN A 161 -8.04 13.64 4.47
CA ASN A 161 -8.25 14.26 5.79
C ASN A 161 -7.14 13.86 6.76
N ALA A 162 -6.11 13.16 6.30
CA ALA A 162 -5.02 12.75 7.18
C ALA A 162 -5.57 11.89 8.29
N ILE A 163 -6.32 10.85 7.93
CA ILE A 163 -6.81 9.93 8.95
C ILE A 163 -6.15 8.56 8.82
N ASN A 164 -5.40 8.21 9.86
CA ASN A 164 -4.81 6.89 9.98
C ASN A 164 -3.72 6.56 8.97
N VAL A 165 -3.27 7.51 8.15
CA VAL A 165 -2.20 7.11 7.22
C VAL A 165 -0.91 6.92 8.00
N ASP A 166 -0.67 7.75 9.02
CA ASP A 166 0.50 7.52 9.86
C ASP A 166 0.49 6.17 10.58
N THR A 167 -0.59 5.82 11.27
CA THR A 167 -0.73 4.52 11.92
C THR A 167 -0.49 3.38 10.93
N ALA A 168 -1.12 3.48 9.75
CA ALA A 168 -0.95 2.40 8.78
C ALA A 168 0.51 2.23 8.38
N PHE A 169 1.15 3.34 8.01
CA PHE A 169 2.53 3.18 7.58
C PHE A 169 3.48 2.89 8.74
N GLU A 170 3.11 3.17 9.99
CA GLU A 170 3.92 2.62 11.09
C GLU A 170 3.95 1.11 10.99
N GLU A 171 2.84 0.46 10.72
CA GLU A 171 2.82 -0.99 10.65
C GLU A 171 3.50 -1.48 9.35
N ILE A 172 3.35 -0.70 8.28
CA ILE A 172 4.02 -1.06 7.02
C ILE A 172 5.52 -1.01 7.25
N ALA A 173 5.98 0.05 7.94
CA ALA A 173 7.43 0.15 8.14
C ALA A 173 7.94 -0.96 9.04
N ARG A 174 7.18 -1.29 10.10
CA ARG A 174 7.70 -2.30 11.01
C ARG A 174 7.68 -3.66 10.34
N SER A 175 6.67 -3.94 9.53
CA SER A 175 6.61 -5.24 8.86
C SER A 175 7.69 -5.35 7.78
N ALA A 176 7.89 -4.25 7.06
CA ALA A 176 8.97 -4.20 6.06
C ALA A 176 10.35 -4.45 6.65
N LEU A 177 10.60 -3.78 7.78
CA LEU A 177 11.92 -3.93 8.40
C LEU A 177 12.12 -5.37 8.86
N GLN A 178 11.10 -5.98 9.46
CA GLN A 178 11.17 -7.37 9.91
C GLN A 178 11.42 -8.33 8.78
N GLN A 179 10.75 -8.08 7.64
CA GLN A 179 10.98 -8.89 6.44
C GLN A 179 12.35 -8.64 5.85
N ASN A 180 12.84 -7.40 5.90
CA ASN A 180 14.12 -7.03 5.33
C ASN A 180 15.29 -7.66 6.06
N GLN A 181 15.10 -7.82 7.38
CA GLN A 181 16.21 -8.22 8.24
C GLN A 181 16.13 -9.70 8.61
N ALA A 182 14.94 -10.27 8.47
CA ALA A 182 14.84 -11.71 8.70
C ALA A 182 15.26 -12.46 7.44
#